data_2VPN
#
_entry.id   2VPN
#
_cell.length_a   48.300
_cell.length_b   52.200
_cell.length_c   63.500
_cell.angle_alpha   80.80
_cell.angle_beta   85.80
_cell.angle_gamma   77.90
#
_symmetry.space_group_name_H-M   'P 1'
#
loop_
_entity.id
_entity.type
_entity.pdbx_description
1 polymer 'PERIPLASMIC SUBSTRATE BINDING PROTEIN'
2 non-polymer '(4S)-2-METHYL-1,4,5,6-TETRAHYDROPYRIMIDINE-4-CARBOXYLIC ACID'
3 non-polymer 'MAGNESIUM ION'
4 water water
#
_entity_poly.entity_id   1
_entity_poly.type   'polypeptide(L)'
_entity_poly.pdbx_seq_one_letter_code
;DNWRYAHEEYEGDVQDVFAQAFKGYVEDNSDHTVQVYRFGELGESDDIMEQTQNGILQFVNQSPGFTGSLIPSAQIFFIP
YLMPTDMDTVLEFFDESKAINEMFPKLYAEHGLELLKMYPEGEMVVTADEPITSPEDFDNKKIRTMTNPLLAETYKAFGA
TPTPLPWGEVYGGLQTGIIDGQENPIFWIESGGLYEVSPNLTFTSHGWFTTAMMANQDFYEGLSEEDQQLVQDAADAAYD
HTIEHIKGLSEESLEKIKAASDEVTVTRLNDEQIQAFKERAPQVEEKFIEMTGEQGQELLDQFKADLKAVQSESEG
;
_entity_poly.pdbx_strand_id   A,B
#
# COMPACT_ATOMS: atom_id res chain seq x y z
N ASP A 1 -2.12 26.30 -13.13
CA ASP A 1 -2.16 25.50 -14.39
C ASP A 1 -2.45 24.04 -14.07
N ASN A 2 -2.91 23.32 -15.08
CA ASN A 2 -3.10 21.88 -14.96
C ASN A 2 -2.06 21.18 -15.81
N TRP A 3 -1.33 20.26 -15.19
CA TRP A 3 -0.28 19.51 -15.88
C TRP A 3 -0.70 18.05 -15.96
N ARG A 4 -0.69 17.52 -17.18
CA ARG A 4 -1.09 16.14 -17.42
C ARG A 4 0.14 15.28 -17.27
N TYR A 5 -0.03 14.15 -16.60
CA TYR A 5 1.03 13.21 -16.24
C TYR A 5 0.51 11.80 -16.51
N ALA A 6 1.21 11.02 -17.33
CA ALA A 6 0.81 9.65 -17.63
C ALA A 6 1.87 8.67 -17.19
N HIS A 7 1.42 7.52 -16.70
CA HIS A 7 2.33 6.41 -16.38
C HIS A 7 1.79 5.09 -16.93
N GLU A 8 2.56 4.02 -16.66
CA GLU A 8 2.36 2.72 -17.28
C GLU A 8 1.64 1.71 -16.41
N GLU A 9 1.21 2.11 -15.22
CA GLU A 9 0.77 1.13 -14.22
C GLU A 9 -0.62 1.49 -13.76
N TYR A 10 -1.13 0.72 -12.81
CA TYR A 10 -2.51 0.88 -12.34
C TYR A 10 -2.53 1.53 -10.96
N GLU A 11 -3.74 1.78 -10.48
CA GLU A 11 -3.93 2.37 -9.17
C GLU A 11 -3.18 1.57 -8.09
N GLY A 12 -2.34 2.25 -7.32
CA GLY A 12 -1.65 1.62 -6.21
C GLY A 12 -0.32 0.95 -6.53
N ASP A 13 -0.03 0.82 -7.82
CA ASP A 13 1.24 0.27 -8.25
C ASP A 13 2.37 1.27 -8.00
N VAL A 14 3.60 0.80 -8.07
CA VAL A 14 4.77 1.60 -7.70
C VAL A 14 4.84 2.93 -8.47
N GLN A 15 4.63 2.91 -9.79
CA GLN A 15 4.61 4.19 -10.54
C GLN A 15 3.50 5.13 -10.11
N ASP A 16 2.38 4.55 -9.72
CA ASP A 16 1.28 5.35 -9.24
C ASP A 16 1.56 5.96 -7.88
N VAL A 17 2.21 5.21 -7.00
CA VAL A 17 2.65 5.75 -5.73
C VAL A 17 3.55 6.99 -5.95
N PHE A 18 4.49 6.86 -6.89
CA PHE A 18 5.37 7.98 -7.23
C PHE A 18 4.53 9.13 -7.77
N ALA A 19 3.64 8.83 -8.71
CA ALA A 19 2.80 9.88 -9.35
C ALA A 19 1.93 10.61 -8.34
N GLN A 20 1.27 9.89 -7.44
CA GLN A 20 0.37 10.52 -6.49
C GLN A 20 1.15 11.36 -5.50
N ALA A 21 2.34 10.90 -5.12
CA ALA A 21 3.19 11.70 -4.25
C ALA A 21 3.69 12.97 -4.92
N PHE A 22 4.03 12.88 -6.20
CA PHE A 22 4.43 14.05 -6.99
C PHE A 22 3.28 15.05 -7.07
N LYS A 23 2.11 14.54 -7.45
CA LYS A 23 0.85 15.30 -7.48
C LYS A 23 0.61 15.99 -6.15
N GLY A 24 0.69 15.22 -5.07
CA GLY A 24 0.44 15.75 -3.74
C GLY A 24 1.34 16.92 -3.39
N TYR A 25 2.61 16.81 -3.73
CA TYR A 25 3.57 17.87 -3.41
C TYR A 25 3.27 19.13 -4.19
N VAL A 26 3.02 18.98 -5.48
CA VAL A 26 2.69 20.13 -6.32
C VAL A 26 1.45 20.83 -5.82
N GLU A 27 0.41 20.05 -5.53
CA GLU A 27 -0.88 20.62 -5.12
C GLU A 27 -0.84 21.20 -3.71
N ASP A 28 0.00 20.64 -2.83
CA ASP A 28 0.14 21.16 -1.45
C ASP A 28 0.98 22.42 -1.38
N ASN A 29 1.77 22.69 -2.42
CA ASN A 29 2.72 23.79 -2.40
C ASN A 29 2.57 24.77 -3.56
N SER A 30 1.42 24.73 -4.23
CA SER A 30 1.13 25.65 -5.33
C SER A 30 -0.35 25.65 -5.63
N ASP A 31 -0.73 26.44 -6.64
CA ASP A 31 -2.11 26.51 -7.13
C ASP A 31 -2.31 25.62 -8.37
N HIS A 32 -1.24 24.91 -8.76
CA HIS A 32 -1.29 24.00 -9.90
C HIS A 32 -1.96 22.68 -9.53
N THR A 33 -2.49 22.01 -10.54
CA THR A 33 -3.00 20.66 -10.39
C THR A 33 -2.18 19.72 -11.27
N VAL A 34 -2.08 18.46 -10.84
CA VAL A 34 -1.48 17.41 -11.67
C VAL A 34 -2.55 16.37 -11.94
N GLN A 35 -2.89 16.21 -13.21
CA GLN A 35 -3.88 15.23 -13.64
C GLN A 35 -3.15 13.96 -14.05
N VAL A 36 -3.30 12.91 -13.27
CA VAL A 36 -2.58 11.65 -13.50
C VAL A 36 -3.43 10.65 -14.26
N TYR A 37 -2.88 10.16 -15.36
CA TYR A 37 -3.48 9.10 -16.15
C TYR A 37 -2.75 7.80 -15.90
N ARG A 38 -3.49 6.80 -15.44
CA ARG A 38 -2.98 5.45 -15.26
C ARG A 38 -3.01 4.68 -16.57
N PHE A 39 -2.46 3.47 -16.58
CA PHE A 39 -2.36 2.68 -17.80
C PHE A 39 -3.73 2.56 -18.45
N GLY A 40 -3.77 2.77 -19.76
CA GLY A 40 -4.97 2.58 -20.56
C GLY A 40 -5.88 3.78 -20.62
N GLU A 41 -5.65 4.76 -19.74
CA GLU A 41 -6.58 5.88 -19.58
C GLU A 41 -6.49 6.93 -20.66
N LEU A 42 -5.46 6.95 -21.48
CA LEU A 42 -5.44 7.88 -22.60
C LEU A 42 -6.02 7.22 -23.83
N ASP A 47 2.41 5.09 -26.99
CA ASP A 47 1.62 6.30 -27.24
C ASP A 47 1.94 7.43 -26.27
N ILE A 48 2.15 7.13 -24.99
CA ILE A 48 2.32 8.18 -23.98
C ILE A 48 3.62 8.95 -24.19
N MET A 49 4.64 8.27 -24.71
CA MET A 49 5.87 8.97 -25.05
C MET A 49 5.67 9.91 -26.25
N GLU A 50 4.93 9.45 -27.25
CA GLU A 50 4.59 10.29 -28.41
C GLU A 50 3.89 11.56 -27.94
N GLN A 51 2.92 11.43 -27.06
CA GLN A 51 2.11 12.53 -26.57
C GLN A 51 2.87 13.48 -25.67
N THR A 52 3.94 13.00 -25.07
CA THR A 52 4.78 13.87 -24.27
C THR A 52 5.73 14.65 -25.17
N GLN A 53 6.34 13.97 -26.14
CA GLN A 53 7.26 14.65 -27.06
C GLN A 53 6.56 15.72 -27.87
N ASN A 54 5.28 15.53 -28.20
CA ASN A 54 4.54 16.52 -28.99
C ASN A 54 3.72 17.49 -28.14
N GLY A 55 3.85 17.40 -26.81
CA GLY A 55 3.39 18.43 -25.93
C GLY A 55 1.99 18.31 -25.42
N ILE A 56 1.29 17.23 -25.79
CA ILE A 56 -0.03 16.93 -25.24
C ILE A 56 0.10 16.65 -23.75
N LEU A 57 1.06 15.82 -23.35
CA LEU A 57 1.34 15.53 -21.94
C LEU A 57 2.53 16.35 -21.49
N GLN A 58 2.52 16.74 -20.24
CA GLN A 58 3.58 17.51 -19.60
C GLN A 58 4.61 16.61 -18.92
N PHE A 59 4.14 15.55 -18.27
CA PHE A 59 4.99 14.59 -17.59
C PHE A 59 4.65 13.18 -18.04
N VAL A 60 5.66 12.32 -18.08
CA VAL A 60 5.47 10.91 -18.40
C VAL A 60 6.43 10.09 -17.58
N ASN A 61 5.93 8.94 -17.12
CA ASN A 61 6.77 7.97 -16.49
C ASN A 61 6.84 6.81 -17.47
N GLN A 62 8.01 6.60 -18.08
CA GLN A 62 8.19 5.50 -19.01
C GLN A 62 9.43 4.71 -18.61
N SER A 63 9.35 3.40 -18.68
CA SER A 63 10.47 2.54 -18.31
C SER A 63 11.42 2.38 -19.49
N PRO A 64 12.74 2.25 -19.19
CA PRO A 64 13.70 1.90 -20.25
C PRO A 64 13.33 0.71 -21.13
N GLY A 65 12.56 -0.23 -20.59
CA GLY A 65 12.12 -1.36 -21.38
C GLY A 65 11.42 -0.96 -22.66
N PHE A 66 10.77 0.20 -22.61
CA PHE A 66 10.12 0.78 -23.78
C PHE A 66 10.95 1.90 -24.39
N THR A 67 11.54 2.73 -23.55
CA THR A 67 12.27 3.90 -24.03
C THR A 67 13.53 3.50 -24.77
N GLY A 68 14.06 2.33 -24.47
CA GLY A 68 15.28 1.83 -25.09
C GLY A 68 15.22 1.72 -26.59
N SER A 69 14.02 1.67 -27.18
CA SER A 69 13.92 1.70 -28.64
C SER A 69 14.27 3.08 -29.20
N LEU A 70 13.76 4.13 -28.56
CA LEU A 70 13.97 5.50 -28.99
C LEU A 70 15.31 6.08 -28.49
N ILE A 71 15.71 5.68 -27.29
CA ILE A 71 16.91 6.18 -26.65
C ILE A 71 17.77 4.97 -26.39
N PRO A 72 18.61 4.60 -27.36
CA PRO A 72 19.35 3.35 -27.26
C PRO A 72 20.16 3.15 -25.98
N SER A 73 20.68 4.24 -25.42
N SER A 73 20.69 4.25 -25.42
CA SER A 73 21.47 4.16 -24.20
CA SER A 73 21.48 4.17 -24.19
C SER A 73 20.67 3.63 -23.00
C SER A 73 20.68 3.62 -23.02
N ALA A 74 19.36 3.83 -23.04
CA ALA A 74 18.48 3.33 -21.96
C ALA A 74 18.44 1.80 -21.91
N GLN A 75 18.95 1.15 -22.95
CA GLN A 75 19.02 -0.32 -22.96
C GLN A 75 20.03 -0.88 -21.98
N ILE A 76 20.89 -0.03 -21.42
CA ILE A 76 21.95 -0.51 -20.52
C ILE A 76 21.44 -1.34 -19.35
N PHE A 77 20.21 -1.05 -18.91
CA PHE A 77 19.59 -1.76 -17.78
C PHE A 77 19.27 -3.22 -18.08
N PHE A 78 19.37 -3.60 -19.35
CA PHE A 78 19.08 -4.96 -19.77
C PHE A 78 20.28 -5.83 -20.07
N ILE A 79 21.46 -5.34 -19.75
CA ILE A 79 22.65 -6.18 -19.67
C ILE A 79 22.50 -6.99 -18.40
N PRO A 80 22.33 -8.32 -18.53
CA PRO A 80 22.09 -9.07 -17.30
C PRO A 80 23.31 -9.13 -16.36
N TYR A 81 23.01 -9.18 -15.07
CA TYR A 81 23.99 -9.33 -13.99
C TYR A 81 24.89 -8.10 -13.77
N LEU A 82 24.59 -7.01 -14.46
CA LEU A 82 25.28 -5.74 -14.29
C LEU A 82 24.88 -5.11 -12.96
N MET A 83 23.56 -5.01 -12.73
CA MET A 83 23.06 -4.40 -11.49
C MET A 83 23.23 -5.29 -10.26
N PRO A 84 23.40 -4.69 -9.09
CA PRO A 84 23.48 -5.48 -7.87
C PRO A 84 22.13 -6.12 -7.53
N THR A 85 22.15 -7.17 -6.71
N THR A 85 22.13 -7.13 -6.68
CA THR A 85 20.93 -7.90 -6.35
CA THR A 85 20.90 -7.85 -6.40
C THR A 85 20.16 -7.26 -5.20
C THR A 85 20.16 -7.35 -5.16
N ASP A 86 20.88 -6.72 -4.22
CA ASP A 86 20.23 -6.29 -2.98
C ASP A 86 19.74 -4.86 -3.01
N MET A 87 18.60 -4.64 -2.39
CA MET A 87 17.92 -3.36 -2.36
C MET A 87 18.81 -2.23 -1.88
N ASP A 88 19.49 -2.42 -0.77
CA ASP A 88 20.29 -1.36 -0.18
C ASP A 88 21.36 -0.84 -1.14
N THR A 89 22.02 -1.75 -1.84
CA THR A 89 23.05 -1.39 -2.80
C THR A 89 22.48 -0.70 -4.04
N VAL A 90 21.36 -1.20 -4.54
CA VAL A 90 20.67 -0.58 -5.65
C VAL A 90 20.26 0.86 -5.30
N LEU A 91 19.76 1.07 -4.09
CA LEU A 91 19.33 2.39 -3.67
C LEU A 91 20.49 3.36 -3.60
N GLU A 92 21.63 2.90 -3.10
N GLU A 92 21.61 2.88 -3.07
CA GLU A 92 22.80 3.74 -3.07
CA GLU A 92 22.86 3.64 -3.05
C GLU A 92 23.30 4.06 -4.48
C GLU A 92 23.27 4.05 -4.46
N PHE A 93 23.23 3.07 -5.37
CA PHE A 93 23.55 3.30 -6.78
C PHE A 93 22.69 4.40 -7.40
N PHE A 94 21.37 4.32 -7.22
CA PHE A 94 20.48 5.32 -7.81
C PHE A 94 20.67 6.69 -7.23
N ASP A 95 21.08 6.77 -5.97
CA ASP A 95 21.36 8.04 -5.29
CA ASP A 95 21.33 8.06 -5.33
C ASP A 95 22.65 8.69 -5.78
N GLU A 96 23.69 7.86 -5.97
CA GLU A 96 25.07 8.34 -6.17
C GLU A 96 25.64 8.25 -7.59
N SER A 97 25.05 7.41 -8.43
CA SER A 97 25.56 7.20 -9.78
C SER A 97 25.61 8.47 -10.65
N LYS A 98 26.80 8.79 -11.17
N LYS A 98 26.79 8.78 -11.19
CA LYS A 98 26.93 9.84 -12.17
CA LYS A 98 26.94 9.85 -12.16
C LYS A 98 26.15 9.43 -13.43
C LYS A 98 26.32 9.46 -13.52
N ALA A 99 26.25 8.15 -13.80
CA ALA A 99 25.58 7.66 -14.99
C ALA A 99 24.10 8.01 -14.90
N ILE A 100 23.48 7.71 -13.76
CA ILE A 100 22.06 8.00 -13.54
C ILE A 100 21.74 9.48 -13.41
N ASN A 101 22.54 10.19 -12.63
CA ASN A 101 22.21 11.55 -12.21
C ASN A 101 22.78 12.66 -13.09
N GLU A 102 23.83 12.38 -13.86
N GLU A 102 23.83 12.36 -13.85
CA GLU A 102 24.38 13.39 -14.77
CA GLU A 102 24.47 13.33 -14.74
C GLU A 102 24.33 12.97 -16.25
C GLU A 102 24.35 12.97 -16.21
N MET A 103 24.70 11.74 -16.56
CA MET A 103 24.81 11.34 -17.96
C MET A 103 23.46 11.11 -18.62
N PHE A 104 22.58 10.38 -17.93
CA PHE A 104 21.30 10.09 -18.50
C PHE A 104 20.44 11.32 -18.78
N PRO A 105 20.41 12.32 -17.88
CA PRO A 105 19.67 13.52 -18.28
C PRO A 105 20.12 14.16 -19.60
N LYS A 106 21.42 14.09 -19.90
CA LYS A 106 21.88 14.67 -21.17
C LYS A 106 21.38 13.88 -22.36
N LEU A 107 21.34 12.56 -22.20
CA LEU A 107 20.92 11.65 -23.24
C LEU A 107 19.42 11.80 -23.51
N TYR A 108 18.65 12.02 -22.45
CA TYR A 108 17.21 12.24 -22.61
C TYR A 108 16.91 13.60 -23.23
N ALA A 109 17.73 14.58 -22.88
CA ALA A 109 17.56 15.95 -23.41
C ALA A 109 17.70 15.98 -24.93
N GLU A 110 18.45 15.04 -25.48
CA GLU A 110 18.60 14.94 -26.94
C GLU A 110 17.28 14.62 -27.65
N HIS A 111 16.34 14.07 -26.88
CA HIS A 111 15.04 13.66 -27.38
C HIS A 111 13.92 14.55 -26.86
N GLY A 112 14.27 15.73 -26.35
CA GLY A 112 13.27 16.70 -25.97
C GLY A 112 12.61 16.40 -24.66
N LEU A 113 13.32 15.70 -23.77
CA LEU A 113 12.78 15.28 -22.48
C LEU A 113 13.69 15.77 -21.35
N GLU A 114 13.06 16.30 -20.31
CA GLU A 114 13.73 16.72 -19.10
C GLU A 114 13.60 15.57 -18.09
N LEU A 115 14.67 14.79 -17.96
CA LEU A 115 14.66 13.64 -17.04
C LEU A 115 14.72 14.16 -15.62
N LEU A 116 13.70 13.84 -14.83
CA LEU A 116 13.60 14.31 -13.46
C LEU A 116 14.06 13.28 -12.43
N LYS A 117 13.73 12.01 -12.65
CA LYS A 117 14.11 10.93 -11.72
C LYS A 117 14.15 9.58 -12.43
N MET A 118 15.14 8.78 -12.07
N MET A 118 15.13 8.77 -12.06
CA MET A 118 15.13 7.36 -12.35
CA MET A 118 15.12 7.36 -12.36
C MET A 118 15.04 6.65 -11.02
C MET A 118 15.07 6.63 -11.04
N TYR A 119 14.29 5.56 -10.97
CA TYR A 119 14.15 4.81 -9.74
C TYR A 119 13.86 3.35 -10.01
N PRO A 120 14.24 2.49 -9.07
CA PRO A 120 13.95 1.08 -9.19
C PRO A 120 12.54 0.77 -8.69
N GLU A 121 11.95 -0.29 -9.23
CA GLU A 121 10.64 -0.75 -8.77
C GLU A 121 10.75 -2.06 -8.02
N GLY A 122 11.60 -2.97 -8.51
CA GLY A 122 11.79 -4.26 -7.89
C GLY A 122 12.62 -5.20 -8.74
N GLU A 123 13.09 -6.26 -8.12
CA GLU A 123 13.90 -7.27 -8.79
C GLU A 123 13.07 -7.93 -9.88
N MET A 124 13.69 -8.19 -11.03
CA MET A 124 13.02 -8.93 -12.11
CA MET A 124 13.02 -8.92 -12.11
C MET A 124 12.91 -10.39 -11.74
N VAL A 125 11.71 -10.96 -11.93
CA VAL A 125 11.45 -12.37 -11.69
C VAL A 125 10.83 -12.95 -12.96
N VAL A 126 11.31 -14.13 -13.35
CA VAL A 126 10.74 -14.83 -14.49
C VAL A 126 9.54 -15.64 -14.03
N THR A 127 8.47 -15.63 -14.81
CA THR A 127 7.40 -16.58 -14.64
C THR A 127 7.27 -17.39 -15.92
N ALA A 128 6.94 -18.67 -15.75
CA ALA A 128 6.83 -19.54 -16.90
C ALA A 128 5.95 -20.74 -16.56
N ASP A 129 5.73 -21.57 -17.57
CA ASP A 129 4.95 -22.78 -17.44
C ASP A 129 5.72 -23.93 -16.80
N GLU A 130 7.02 -23.70 -16.53
CA GLU A 130 7.81 -24.60 -15.69
C GLU A 130 8.94 -23.83 -15.00
N PRO A 131 9.54 -24.41 -13.95
CA PRO A 131 10.71 -23.76 -13.35
C PRO A 131 11.85 -23.66 -14.35
N ILE A 132 12.58 -22.56 -14.34
CA ILE A 132 13.71 -22.36 -15.25
C ILE A 132 14.97 -22.37 -14.41
N THR A 133 15.71 -23.48 -14.44
CA THR A 133 16.91 -23.57 -13.61
C THR A 133 18.20 -23.43 -14.41
N SER A 134 18.10 -23.45 -15.74
CA SER A 134 19.27 -23.34 -16.60
C SER A 134 18.87 -22.74 -17.94
N PRO A 135 19.83 -22.17 -18.66
CA PRO A 135 19.52 -21.76 -20.03
C PRO A 135 18.85 -22.84 -20.90
N GLU A 136 19.21 -24.10 -20.70
CA GLU A 136 18.57 -25.19 -21.43
C GLU A 136 17.05 -25.24 -21.21
N ASP A 137 16.58 -24.83 -20.02
CA ASP A 137 15.16 -24.81 -19.73
C ASP A 137 14.37 -23.76 -20.50
N PHE A 138 15.06 -22.73 -20.98
CA PHE A 138 14.45 -21.72 -21.84
C PHE A 138 14.25 -22.18 -23.29
N ASP A 139 14.88 -23.29 -23.68
CA ASP A 139 14.85 -23.70 -25.09
C ASP A 139 13.41 -23.87 -25.56
N ASN A 140 13.14 -23.21 -26.70
CA ASN A 140 11.84 -23.19 -27.34
CA ASN A 140 11.85 -23.09 -27.37
C ASN A 140 10.68 -22.62 -26.50
N LYS A 141 11.02 -21.83 -25.48
N LYS A 141 11.01 -21.82 -25.49
CA LYS A 141 10.03 -21.09 -24.71
CA LYS A 141 9.99 -21.11 -24.74
C LYS A 141 9.89 -19.69 -25.29
C LYS A 141 9.88 -19.68 -25.24
N LYS A 142 8.65 -19.28 -25.55
CA LYS A 142 8.37 -17.93 -26.04
C LYS A 142 8.19 -17.06 -24.82
N ILE A 143 9.17 -16.20 -24.53
CA ILE A 143 9.15 -15.38 -23.31
C ILE A 143 8.85 -13.95 -23.70
N ARG A 144 7.79 -13.39 -23.15
CA ARG A 144 7.43 -12.02 -23.49
C ARG A 144 8.43 -11.06 -22.85
N THR A 145 8.85 -10.04 -23.61
CA THR A 145 9.68 -8.96 -23.09
C THR A 145 9.05 -7.63 -23.44
N MET A 146 9.47 -6.58 -22.76
CA MET A 146 9.16 -5.24 -23.19
C MET A 146 9.88 -5.03 -24.51
N THR A 147 9.56 -3.93 -25.17
CA THR A 147 9.90 -3.78 -26.60
C THR A 147 11.11 -2.88 -26.79
N ASN A 148 12.29 -3.37 -26.41
CA ASN A 148 13.53 -2.75 -26.86
C ASN A 148 14.44 -3.84 -27.39
N PRO A 149 15.25 -3.51 -28.39
CA PRO A 149 16.08 -4.50 -29.06
C PRO A 149 17.00 -5.31 -28.16
N LEU A 150 17.66 -4.65 -27.20
CA LEU A 150 18.66 -5.35 -26.41
C LEU A 150 18.04 -6.40 -25.49
N LEU A 151 16.87 -6.11 -24.96
CA LEU A 151 16.22 -7.05 -24.06
C LEU A 151 15.88 -8.34 -24.80
N ALA A 152 15.52 -8.23 -26.08
CA ALA A 152 15.26 -9.42 -26.88
C ALA A 152 16.55 -10.22 -27.04
N GLU A 153 17.67 -9.51 -27.24
CA GLU A 153 18.99 -10.15 -27.36
C GLU A 153 19.37 -10.85 -26.07
N THR A 154 19.00 -10.26 -24.93
CA THR A 154 19.28 -10.90 -23.64
C THR A 154 18.56 -12.24 -23.57
N TYR A 155 17.26 -12.24 -23.89
CA TYR A 155 16.52 -13.48 -23.81
C TYR A 155 16.95 -14.51 -24.86
N LYS A 156 17.32 -14.06 -26.06
CA LYS A 156 17.89 -14.96 -27.05
C LYS A 156 19.17 -15.59 -26.52
N ALA A 157 19.97 -14.79 -25.81
CA ALA A 157 21.25 -15.22 -25.26
C ALA A 157 21.02 -16.26 -24.20
N PHE A 158 19.94 -16.09 -23.42
CA PHE A 158 19.53 -17.06 -22.39
C PHE A 158 18.94 -18.36 -22.96
N GLY A 159 18.61 -18.36 -24.25
CA GLY A 159 18.08 -19.54 -24.93
C GLY A 159 16.62 -19.49 -25.30
N ALA A 160 15.93 -18.42 -24.93
CA ALA A 160 14.50 -18.28 -25.17
C ALA A 160 14.19 -17.68 -26.53
N THR A 161 12.91 -17.72 -26.92
CA THR A 161 12.44 -17.04 -28.11
C THR A 161 11.73 -15.78 -27.64
N PRO A 162 12.42 -14.65 -27.66
CA PRO A 162 11.77 -13.47 -27.17
C PRO A 162 10.60 -13.10 -28.05
N THR A 163 9.51 -12.78 -27.40
CA THR A 163 8.34 -12.36 -28.06
C THR A 163 8.09 -10.98 -27.50
N PRO A 164 8.74 -9.96 -28.07
CA PRO A 164 8.49 -8.61 -27.60
C PRO A 164 7.05 -8.23 -27.84
N LEU A 165 6.39 -7.85 -26.76
N LEU A 165 6.31 -8.04 -26.75
CA LEU A 165 4.98 -7.55 -26.80
CA LEU A 165 4.92 -7.56 -26.83
C LEU A 165 4.69 -6.36 -25.87
C LEU A 165 4.74 -6.34 -25.93
N PRO A 166 3.80 -5.44 -26.28
CA PRO A 166 3.26 -4.43 -25.35
C PRO A 166 2.53 -5.06 -24.14
N TRP A 167 2.39 -4.32 -23.05
CA TRP A 167 1.80 -4.92 -21.84
C TRP A 167 0.40 -5.49 -22.01
N GLY A 168 -0.44 -4.79 -22.75
CA GLY A 168 -1.84 -5.24 -22.83
C GLY A 168 -2.06 -6.65 -23.38
N GLU A 169 -1.09 -7.20 -24.11
CA GLU A 169 -1.31 -8.52 -24.69
C GLU A 169 -0.81 -9.68 -23.82
N VAL A 170 -0.32 -9.40 -22.62
CA VAL A 170 0.40 -10.44 -21.87
C VAL A 170 -0.46 -11.47 -21.10
N TYR A 171 -1.43 -11.02 -20.31
CA TYR A 171 -2.20 -11.96 -19.51
C TYR A 171 -2.90 -12.99 -20.38
N GLY A 172 -3.60 -12.52 -21.40
CA GLY A 172 -4.31 -13.39 -22.33
C GLY A 172 -3.35 -14.32 -23.07
N GLY A 173 -2.22 -13.77 -23.50
CA GLY A 173 -1.18 -14.54 -24.22
C GLY A 173 -0.65 -15.71 -23.40
N LEU A 174 -0.42 -15.48 -22.11
CA LEU A 174 -0.02 -16.57 -21.24
C LEU A 174 -1.17 -17.56 -21.06
N GLN A 175 -2.39 -17.05 -20.98
CA GLN A 175 -3.53 -17.90 -20.78
C GLN A 175 -3.75 -18.87 -21.95
N THR A 176 -3.59 -18.39 -23.17
CA THR A 176 -3.88 -19.22 -24.36
C THR A 176 -2.63 -19.80 -25.02
N GLY A 177 -1.46 -19.57 -24.42
CA GLY A 177 -0.21 -20.19 -24.89
C GLY A 177 0.45 -19.51 -26.06
N ILE A 178 0.04 -18.28 -26.38
CA ILE A 178 0.76 -17.44 -27.34
C ILE A 178 2.19 -17.23 -26.85
N ILE A 179 2.35 -17.10 -25.54
CA ILE A 179 3.65 -17.01 -24.89
C ILE A 179 3.70 -18.01 -23.73
N ASP A 180 4.90 -18.39 -23.37
CA ASP A 180 5.15 -19.39 -22.35
C ASP A 180 5.60 -18.80 -21.02
N GLY A 181 5.91 -17.51 -21.01
CA GLY A 181 6.39 -16.87 -19.81
C GLY A 181 6.63 -15.40 -20.05
N GLN A 182 7.11 -14.74 -19.00
CA GLN A 182 7.36 -13.31 -19.01
C GLN A 182 8.30 -12.99 -17.86
N GLU A 183 8.67 -11.72 -17.72
CA GLU A 183 9.51 -11.29 -16.62
C GLU A 183 9.02 -9.96 -16.12
N ASN A 184 8.95 -9.85 -14.81
CA ASN A 184 8.46 -8.63 -14.16
C ASN A 184 8.76 -8.69 -12.67
N PRO A 185 8.69 -7.54 -12.00
CA PRO A 185 8.82 -7.58 -10.54
C PRO A 185 7.65 -8.26 -9.87
N ILE A 186 7.89 -8.82 -8.69
CA ILE A 186 6.88 -9.57 -7.98
C ILE A 186 5.64 -8.73 -7.68
N PHE A 187 5.77 -7.44 -7.41
CA PHE A 187 4.57 -6.66 -7.02
C PHE A 187 3.59 -6.59 -8.20
N TRP A 188 4.12 -6.61 -9.40
CA TRP A 188 3.33 -6.53 -10.63
C TRP A 188 2.76 -7.89 -11.03
N ILE A 189 3.54 -8.93 -10.79
CA ILE A 189 3.06 -10.29 -10.98
C ILE A 189 1.87 -10.49 -10.06
N GLU A 190 1.95 -9.97 -8.84
CA GLU A 190 0.87 -10.10 -7.90
C GLU A 190 -0.33 -9.25 -8.31
N SER A 191 -0.08 -7.96 -8.53
CA SER A 191 -1.18 -7.01 -8.74
C SER A 191 -1.92 -7.28 -10.05
N GLY A 192 -1.20 -7.77 -11.05
CA GLY A 192 -1.77 -8.12 -12.33
C GLY A 192 -2.30 -9.54 -12.41
N GLY A 193 -2.16 -10.33 -11.36
CA GLY A 193 -2.69 -11.68 -11.30
C GLY A 193 -1.99 -12.65 -12.24
N LEU A 194 -0.78 -12.33 -12.63
CA LEU A 194 -0.05 -13.13 -13.62
C LEU A 194 0.26 -14.55 -13.11
N TYR A 195 0.39 -14.69 -11.80
CA TYR A 195 0.65 -15.99 -11.18
C TYR A 195 -0.50 -16.97 -11.40
N GLU A 196 -1.68 -16.47 -11.77
CA GLU A 196 -2.84 -17.29 -12.07
C GLU A 196 -2.65 -18.06 -13.38
N VAL A 197 -1.90 -17.47 -14.31
CA VAL A 197 -1.71 -18.07 -15.64
C VAL A 197 -0.25 -18.39 -15.94
N SER A 198 0.65 -18.09 -15.02
CA SER A 198 2.08 -18.30 -15.18
C SER A 198 2.64 -18.59 -13.78
N PRO A 199 2.44 -19.82 -13.28
CA PRO A 199 2.59 -20.07 -11.86
C PRO A 199 3.98 -20.42 -11.33
N ASN A 200 4.95 -20.64 -12.22
CA ASN A 200 6.28 -21.01 -11.80
C ASN A 200 7.18 -19.80 -11.82
N LEU A 201 7.57 -19.35 -10.65
CA LEU A 201 8.40 -18.17 -10.49
C LEU A 201 9.85 -18.60 -10.33
N THR A 202 10.74 -17.98 -11.08
CA THR A 202 12.15 -18.23 -10.90
C THR A 202 12.90 -16.92 -10.67
N PHE A 203 13.60 -16.86 -9.55
CA PHE A 203 14.42 -15.73 -9.16
C PHE A 203 15.82 -15.97 -9.73
N THR A 204 16.08 -15.33 -10.86
CA THR A 204 17.34 -15.46 -11.61
C THR A 204 18.39 -14.46 -11.17
N SER A 205 17.97 -13.42 -10.44
CA SER A 205 18.86 -12.35 -9.99
C SER A 205 19.57 -11.60 -11.13
N HIS A 206 18.99 -11.58 -12.32
CA HIS A 206 19.69 -10.97 -13.46
C HIS A 206 19.48 -9.48 -13.61
N GLY A 207 18.54 -8.89 -12.89
CA GLY A 207 18.27 -7.48 -13.04
C GLY A 207 17.12 -6.94 -12.24
N TRP A 208 16.92 -5.65 -12.35
CA TRP A 208 15.89 -4.92 -11.66
C TRP A 208 15.02 -4.27 -12.68
N PHE A 209 13.73 -4.23 -12.41
CA PHE A 209 12.83 -3.39 -13.18
C PHE A 209 13.04 -1.97 -12.69
N THR A 210 13.40 -1.09 -13.60
CA THR A 210 13.60 0.31 -13.27
C THR A 210 12.76 1.17 -14.18
N THR A 211 12.59 2.42 -13.77
CA THR A 211 11.79 3.33 -14.54
C THR A 211 12.30 4.77 -14.45
N ALA A 212 11.66 5.66 -15.21
CA ALA A 212 12.09 7.03 -15.28
C ALA A 212 10.87 7.93 -15.38
N MET A 213 10.96 9.10 -14.78
CA MET A 213 9.93 10.12 -14.88
C MET A 213 10.56 11.37 -15.44
N MET A 214 9.89 11.97 -16.41
CA MET A 214 10.42 13.08 -17.12
C MET A 214 9.31 14.03 -17.53
N ALA A 215 9.72 15.24 -17.90
CA ALA A 215 8.84 16.27 -18.45
C ALA A 215 9.18 16.55 -19.91
N ASN A 216 8.19 17.01 -20.67
CA ASN A 216 8.44 17.62 -21.96
C ASN A 216 9.39 18.76 -21.70
N GLN A 217 10.51 18.81 -22.42
N GLN A 217 10.49 18.78 -22.45
CA GLN A 217 11.54 19.77 -22.09
CA GLN A 217 11.58 19.73 -22.24
C GLN A 217 11.15 21.21 -22.45
C GLN A 217 11.12 21.17 -22.45
N ASP A 218 10.45 21.43 -23.57
CA ASP A 218 9.98 22.78 -23.91
C ASP A 218 9.03 23.32 -22.85
N PHE A 219 8.15 22.44 -22.35
CA PHE A 219 7.25 22.78 -21.25
C PHE A 219 8.04 23.16 -20.00
N TYR A 220 8.98 22.31 -19.61
CA TYR A 220 9.76 22.54 -18.40
C TYR A 220 10.55 23.83 -18.48
N GLU A 221 11.19 24.04 -19.63
CA GLU A 221 12.02 25.24 -19.82
C GLU A 221 11.20 26.53 -19.90
N GLY A 222 9.92 26.40 -20.22
CA GLY A 222 8.98 27.52 -20.22
C GLY A 222 8.41 27.87 -18.85
N LEU A 223 8.62 27.01 -17.85
CA LEU A 223 8.18 27.31 -16.49
C LEU A 223 9.08 28.38 -15.85
N SER A 224 8.49 29.14 -14.95
CA SER A 224 9.25 30.08 -14.15
C SER A 224 10.26 29.30 -13.33
N GLU A 225 11.27 30.00 -12.85
N GLU A 225 11.28 29.98 -12.81
CA GLU A 225 12.31 29.44 -11.98
CA GLU A 225 12.30 29.32 -12.00
C GLU A 225 11.65 28.76 -10.77
C GLU A 225 11.69 28.78 -10.70
N GLU A 226 10.67 29.45 -10.19
CA GLU A 226 9.93 28.97 -9.02
CA GLU A 226 9.92 28.99 -9.03
C GLU A 226 9.24 27.64 -9.32
N ASP A 227 8.52 27.59 -10.44
CA ASP A 227 7.82 26.37 -10.84
C ASP A 227 8.77 25.24 -11.23
N GLN A 228 9.91 25.56 -11.82
CA GLN A 228 10.93 24.54 -12.10
C GLN A 228 11.44 23.90 -10.79
N GLN A 229 11.66 24.74 -9.79
CA GLN A 229 12.11 24.26 -8.47
C GLN A 229 11.00 23.46 -7.78
N LEU A 230 9.75 23.88 -7.96
CA LEU A 230 8.60 23.13 -7.43
C LEU A 230 8.60 21.71 -7.99
N VAL A 231 8.82 21.60 -9.29
CA VAL A 231 8.84 20.30 -9.98
C VAL A 231 9.99 19.44 -9.44
N GLN A 232 11.16 20.04 -9.29
CA GLN A 232 12.31 19.30 -8.78
C GLN A 232 12.06 18.81 -7.37
N ASP A 233 11.48 19.68 -6.53
CA ASP A 233 11.23 19.34 -5.15
CA ASP A 233 11.19 19.37 -5.13
C ASP A 233 10.15 18.27 -5.04
N ALA A 234 9.14 18.35 -5.92
CA ALA A 234 8.06 17.34 -6.02
C ALA A 234 8.62 15.98 -6.43
N ALA A 235 9.53 15.97 -7.40
CA ALA A 235 10.17 14.73 -7.83
C ALA A 235 11.00 14.10 -6.70
N ASP A 236 11.70 14.94 -5.96
CA ASP A 236 12.49 14.47 -4.79
C ASP A 236 11.57 13.87 -3.74
N ALA A 237 10.45 14.55 -3.43
CA ALA A 237 9.50 14.05 -2.44
C ALA A 237 8.93 12.73 -2.88
N ALA A 238 8.56 12.66 -4.16
CA ALA A 238 7.96 11.46 -4.73
C ALA A 238 8.96 10.30 -4.68
N TYR A 239 10.22 10.58 -4.99
CA TYR A 239 11.29 9.57 -4.96
C TYR A 239 11.41 8.99 -3.56
N ASP A 240 11.51 9.87 -2.55
CA ASP A 240 11.64 9.38 -1.17
C ASP A 240 10.46 8.53 -0.71
N HIS A 241 9.24 8.97 -1.05
CA HIS A 241 8.03 8.25 -0.68
C HIS A 241 8.00 6.89 -1.34
N THR A 242 8.44 6.84 -2.59
CA THR A 242 8.36 5.60 -3.35
C THR A 242 9.39 4.58 -2.87
N ILE A 243 10.59 5.06 -2.54
CA ILE A 243 11.64 4.20 -2.00
C ILE A 243 11.16 3.61 -0.68
N GLU A 244 10.48 4.39 0.15
CA GLU A 244 9.92 3.81 1.37
CA GLU A 244 9.91 3.83 1.38
C GLU A 244 8.85 2.79 1.06
N HIS A 245 8.07 3.05 0.01
CA HIS A 245 7.00 2.14 -0.40
C HIS A 245 7.55 0.76 -0.80
N ILE A 246 8.66 0.75 -1.54
CA ILE A 246 9.15 -0.50 -2.09
C ILE A 246 9.89 -1.32 -1.06
N LYS A 247 10.24 -0.72 0.06
CA LYS A 247 10.88 -1.50 1.11
C LYS A 247 9.93 -2.54 1.67
N GLY A 248 10.31 -3.81 1.48
CA GLY A 248 9.51 -4.92 1.92
C GLY A 248 8.40 -5.32 0.98
N LEU A 249 8.25 -4.61 -0.15
CA LEU A 249 7.11 -4.82 -1.03
C LEU A 249 7.18 -6.17 -1.76
N SER A 250 8.38 -6.54 -2.19
CA SER A 250 8.53 -7.82 -2.89
C SER A 250 8.16 -8.99 -1.97
N GLU A 251 8.61 -8.91 -0.73
CA GLU A 251 8.34 -9.95 0.26
C GLU A 251 6.83 -10.01 0.56
N GLU A 252 6.20 -8.86 0.75
CA GLU A 252 4.75 -8.81 0.98
C GLU A 252 3.98 -9.36 -0.23
N SER A 253 4.41 -8.96 -1.42
CA SER A 253 3.76 -9.41 -2.64
C SER A 253 3.84 -10.91 -2.83
N LEU A 254 4.99 -11.51 -2.51
CA LEU A 254 5.13 -12.95 -2.62
C LEU A 254 4.25 -13.66 -1.60
N GLU A 255 4.17 -13.15 -0.39
CA GLU A 255 3.27 -13.74 0.60
C GLU A 255 1.80 -13.68 0.11
N LYS A 256 1.43 -12.58 -0.51
CA LYS A 256 0.09 -12.46 -1.09
C LYS A 256 -0.14 -13.50 -2.19
N ILE A 257 0.85 -13.69 -3.06
CA ILE A 257 0.71 -14.69 -4.11
C ILE A 257 0.55 -16.11 -3.54
N LYS A 258 1.37 -16.44 -2.55
CA LYS A 258 1.30 -17.76 -1.92
C LYS A 258 -0.02 -18.00 -1.23
N ALA A 259 -0.54 -16.94 -0.64
CA ALA A 259 -1.86 -17.03 0.00
C ALA A 259 -2.96 -17.26 -1.00
N ALA A 260 -2.78 -16.74 -2.21
CA ALA A 260 -3.81 -16.81 -3.24
C ALA A 260 -3.80 -18.09 -4.06
N SER A 261 -2.64 -18.71 -4.21
CA SER A 261 -2.54 -19.86 -5.10
C SER A 261 -1.65 -20.96 -4.56
N ASP A 262 -2.23 -22.15 -4.43
CA ASP A 262 -1.45 -23.33 -4.08
C ASP A 262 -0.64 -23.88 -5.27
N GLU A 263 -0.93 -23.44 -6.48
CA GLU A 263 -0.23 -23.95 -7.68
CA GLU A 263 -0.22 -23.95 -7.66
C GLU A 263 1.09 -23.23 -7.93
N VAL A 264 1.33 -22.13 -7.24
CA VAL A 264 2.55 -21.36 -7.47
C VAL A 264 3.76 -22.10 -6.95
N THR A 265 4.82 -22.14 -7.76
CA THR A 265 6.11 -22.67 -7.33
C THR A 265 7.14 -21.55 -7.35
N VAL A 266 8.13 -21.67 -6.46
CA VAL A 266 9.20 -20.69 -6.37
C VAL A 266 10.53 -21.40 -6.47
N THR A 267 11.32 -20.98 -7.44
CA THR A 267 12.67 -21.48 -7.67
C THR A 267 13.63 -20.32 -7.47
N ARG A 268 14.60 -20.50 -6.60
CA ARG A 268 15.64 -19.51 -6.40
C ARG A 268 16.95 -20.09 -6.89
N LEU A 269 17.55 -19.47 -7.90
CA LEU A 269 18.78 -20.02 -8.48
C LEU A 269 19.91 -19.87 -7.48
N ASN A 270 20.69 -20.91 -7.30
CA ASN A 270 21.87 -20.85 -6.44
C ASN A 270 23.02 -20.28 -7.23
N ASP A 271 24.19 -20.24 -6.61
CA ASP A 271 25.31 -19.55 -7.23
C ASP A 271 25.84 -20.24 -8.49
N GLU A 272 25.84 -21.57 -8.50
CA GLU A 272 26.26 -22.35 -9.67
C GLU A 272 25.30 -22.13 -10.84
N GLN A 273 24.00 -22.16 -10.54
CA GLN A 273 22.97 -21.94 -11.56
C GLN A 273 23.03 -20.52 -12.09
N ILE A 274 23.27 -19.55 -11.21
CA ILE A 274 23.42 -18.16 -11.64
C ILE A 274 24.61 -17.99 -12.57
N GLN A 275 25.73 -18.61 -12.24
CA GLN A 275 26.92 -18.46 -13.09
C GLN A 275 26.66 -18.89 -14.52
N ALA A 276 25.87 -19.94 -14.72
CA ALA A 276 25.53 -20.41 -16.05
C ALA A 276 24.80 -19.34 -16.89
N PHE A 277 23.96 -18.53 -16.25
CA PHE A 277 23.33 -17.41 -16.95
C PHE A 277 24.27 -16.22 -17.13
N LYS A 278 25.12 -15.98 -16.14
N LYS A 278 25.11 -15.98 -16.12
CA LYS A 278 26.08 -14.89 -16.21
CA LYS A 278 26.13 -14.92 -16.17
C LYS A 278 27.07 -15.11 -17.36
C LYS A 278 27.08 -15.12 -17.34
N GLU A 279 27.32 -16.37 -17.70
CA GLU A 279 28.18 -16.71 -18.85
C GLU A 279 27.63 -16.10 -20.13
N ARG A 280 26.30 -15.91 -20.18
CA ARG A 280 25.66 -15.35 -21.38
C ARG A 280 25.69 -13.82 -21.43
N ALA A 281 26.11 -13.16 -20.35
CA ALA A 281 26.01 -11.70 -20.24
C ALA A 281 26.98 -10.90 -21.13
N PRO A 282 28.27 -11.29 -21.21
CA PRO A 282 29.20 -10.54 -22.04
C PRO A 282 28.82 -10.29 -23.50
N GLN A 283 28.19 -11.28 -24.14
N GLN A 283 28.19 -11.26 -24.17
CA GLN A 283 27.72 -11.10 -25.52
CA GLN A 283 27.79 -11.03 -25.57
C GLN A 283 26.67 -10.02 -25.64
C GLN A 283 26.64 -10.04 -25.67
N VAL A 284 25.84 -9.91 -24.60
CA VAL A 284 24.82 -8.88 -24.56
C VAL A 284 25.46 -7.50 -24.42
N GLU A 285 26.47 -7.41 -23.58
CA GLU A 285 27.20 -6.17 -23.37
C GLU A 285 27.85 -5.69 -24.69
N GLU A 286 28.43 -6.61 -25.45
N GLU A 286 28.45 -6.64 -25.40
CA GLU A 286 29.04 -6.24 -26.74
CA GLU A 286 29.00 -6.40 -26.74
C GLU A 286 28.01 -5.75 -27.76
C GLU A 286 27.99 -5.73 -27.68
N LYS A 287 26.82 -6.35 -27.79
CA LYS A 287 25.77 -5.85 -28.65
C LYS A 287 25.31 -4.47 -28.21
N PHE A 288 25.25 -4.25 -26.89
CA PHE A 288 24.92 -2.90 -26.41
C PHE A 288 25.91 -1.87 -26.95
N ILE A 289 27.21 -2.15 -26.88
CA ILE A 289 28.18 -1.20 -27.38
C ILE A 289 28.14 -1.09 -28.91
N GLU A 290 27.82 -2.18 -29.59
CA GLU A 290 27.67 -2.09 -31.05
C GLU A 290 26.43 -1.28 -31.44
N MET A 291 25.44 -1.24 -30.55
CA MET A 291 24.24 -0.43 -30.79
C MET A 291 24.43 1.02 -30.44
N THR A 292 25.38 1.33 -29.56
CA THR A 292 25.49 2.70 -29.03
C THR A 292 26.84 3.39 -29.22
N GLY A 293 27.84 2.67 -29.71
CA GLY A 293 29.13 3.28 -30.08
C GLY A 293 29.96 3.78 -28.92
N GLU A 294 30.87 4.72 -29.21
CA GLU A 294 31.79 5.26 -28.19
C GLU A 294 31.04 5.93 -27.03
N GLN A 295 29.90 6.54 -27.33
CA GLN A 295 29.06 7.20 -26.32
C GLN A 295 28.48 6.15 -25.36
N GLY A 296 28.06 5.02 -25.91
CA GLY A 296 27.61 3.89 -25.10
C GLY A 296 28.72 3.32 -24.25
N GLN A 297 29.92 3.23 -24.80
CA GLN A 297 31.06 2.75 -24.01
C GLN A 297 31.34 3.69 -22.83
N GLU A 298 31.23 4.99 -23.06
CA GLU A 298 31.45 5.97 -22.00
C GLU A 298 30.43 5.81 -20.86
N LEU A 299 29.16 5.65 -21.22
CA LEU A 299 28.11 5.43 -20.24
C LEU A 299 28.34 4.13 -19.48
N LEU A 300 28.66 3.06 -20.19
CA LEU A 300 28.86 1.77 -19.56
C LEU A 300 30.03 1.79 -18.60
N ASP A 301 31.11 2.46 -19.00
CA ASP A 301 32.27 2.60 -18.13
C ASP A 301 31.91 3.32 -16.83
N GLN A 302 31.12 4.40 -16.94
CA GLN A 302 30.68 5.14 -15.76
C GLN A 302 29.72 4.33 -14.90
N PHE A 303 28.80 3.61 -15.56
CA PHE A 303 27.81 2.78 -14.88
C PHE A 303 28.55 1.73 -14.05
N LYS A 304 29.56 1.09 -14.65
CA LYS A 304 30.39 0.11 -13.94
C LYS A 304 31.22 0.71 -12.80
N ALA A 305 31.80 1.89 -13.03
CA ALA A 305 32.50 2.63 -11.97
C ALA A 305 31.58 2.91 -10.78
N ASP A 306 30.35 3.32 -11.10
CA ASP A 306 29.37 3.67 -10.09
C ASP A 306 28.98 2.44 -9.25
N LEU A 307 28.87 1.30 -9.92
CA LEU A 307 28.56 0.05 -9.23
C LEU A 307 29.73 -0.39 -8.35
N LYS A 308 30.96 -0.22 -8.83
CA LYS A 308 32.16 -0.47 -8.01
C LYS A 308 32.17 0.40 -6.75
N ALA A 309 31.84 1.70 -6.91
CA ALA A 309 31.82 2.66 -5.80
C ALA A 309 30.89 2.26 -4.66
N VAL A 310 29.78 1.61 -5.00
CA VAL A 310 28.82 1.15 -4.00
C VAL A 310 29.02 -0.34 -3.70
N ASP B 1 -9.97 -28.25 6.52
CA ASP B 1 -9.59 -27.22 5.51
CA ASP B 1 -9.58 -27.23 5.52
C ASP B 1 -8.78 -26.15 6.25
N ASN B 2 -7.99 -25.38 5.50
CA ASN B 2 -7.25 -24.29 6.08
C ASN B 2 -7.89 -22.98 5.66
N TRP B 3 -8.27 -22.22 6.68
CA TRP B 3 -8.92 -20.95 6.49
C TRP B 3 -7.93 -19.84 6.83
N ARG B 4 -7.87 -18.83 5.99
CA ARG B 4 -6.96 -17.73 6.19
C ARG B 4 -7.72 -16.54 6.74
N TYR B 5 -7.11 -15.89 7.72
CA TYR B 5 -7.72 -14.81 8.51
C TYR B 5 -6.67 -13.70 8.60
N ALA B 6 -7.05 -12.46 8.25
CA ALA B 6 -6.14 -11.32 8.37
C ALA B 6 -6.73 -10.23 9.24
N HIS B 7 -5.86 -9.55 10.00
CA HIS B 7 -6.27 -8.40 10.78
C HIS B 7 -5.29 -7.23 10.64
N GLU B 8 -5.59 -6.14 11.33
CA GLU B 8 -4.94 -4.84 11.16
C GLU B 8 -3.86 -4.55 12.19
N GLU B 9 -3.60 -5.47 13.11
CA GLU B 9 -2.77 -5.18 14.27
C GLU B 9 -1.62 -6.16 14.40
N TYR B 10 -0.81 -5.99 15.44
CA TYR B 10 0.40 -6.77 15.61
C TYR B 10 0.20 -7.83 16.68
N GLU B 11 1.21 -8.68 16.82
CA GLU B 11 1.20 -9.75 17.84
C GLU B 11 0.85 -9.18 19.22
N GLY B 12 -0.17 -9.75 19.85
CA GLY B 12 -0.58 -9.35 21.20
C GLY B 12 -1.52 -8.18 21.31
N ASP B 13 -1.74 -7.47 20.22
CA ASP B 13 -2.72 -6.39 20.20
C ASP B 13 -4.14 -6.95 20.28
N VAL B 14 -5.11 -6.09 20.57
CA VAL B 14 -6.48 -6.52 20.79
C VAL B 14 -7.07 -7.37 19.66
N GLN B 15 -6.89 -6.95 18.40
CA GLN B 15 -7.41 -7.76 17.31
C GLN B 15 -6.72 -9.12 17.21
N ASP B 16 -5.45 -9.18 17.62
CA ASP B 16 -4.72 -10.46 17.59
C ASP B 16 -5.18 -11.37 18.71
N VAL B 17 -5.48 -10.81 19.86
CA VAL B 17 -6.06 -11.59 20.96
C VAL B 17 -7.37 -12.24 20.50
N PHE B 18 -8.23 -11.45 19.84
CA PHE B 18 -9.45 -11.99 19.25
C PHE B 18 -9.11 -13.10 18.26
N ALA B 19 -8.21 -12.80 17.30
CA ALA B 19 -7.89 -13.74 16.24
C ALA B 19 -7.35 -15.07 16.75
N GLN B 20 -6.48 -14.99 17.74
CA GLN B 20 -5.84 -16.22 18.25
C GLN B 20 -6.87 -17.02 19.04
N ALA B 21 -7.79 -16.34 19.72
CA ALA B 21 -8.88 -17.05 20.41
C ALA B 21 -9.80 -17.73 19.42
N PHE B 22 -10.10 -17.05 18.33
CA PHE B 22 -10.94 -17.60 17.28
C PHE B 22 -10.28 -18.85 16.69
N LYS B 23 -9.03 -18.70 16.33
CA LYS B 23 -8.20 -19.81 15.82
C LYS B 23 -8.21 -20.97 16.80
N GLY B 24 -8.00 -20.67 18.07
CA GLY B 24 -7.95 -21.68 19.10
C GLY B 24 -9.24 -22.47 19.20
N TYR B 25 -10.37 -21.79 19.14
CA TYR B 25 -11.65 -22.48 19.24
C TYR B 25 -11.90 -23.39 18.04
N VAL B 26 -11.63 -22.89 16.84
CA VAL B 26 -11.81 -23.66 15.62
C VAL B 26 -10.94 -24.89 15.69
N GLU B 27 -9.67 -24.70 16.04
CA GLU B 27 -8.69 -25.79 16.00
C GLU B 27 -8.89 -26.82 17.13
N ASP B 28 -9.42 -26.36 18.27
CA ASP B 28 -9.71 -27.27 19.38
C ASP B 28 -10.99 -28.09 19.17
N ASN B 29 -11.86 -27.63 18.29
CA ASN B 29 -13.20 -28.19 18.12
C ASN B 29 -13.50 -28.69 16.71
N SER B 30 -12.47 -28.82 15.88
CA SER B 30 -12.59 -29.31 14.52
C SER B 30 -11.22 -29.71 13.99
N ASP B 31 -11.20 -30.19 12.74
CA ASP B 31 -9.95 -30.54 12.06
C ASP B 31 -9.52 -29.41 11.12
N HIS B 32 -10.25 -28.29 11.17
CA HIS B 32 -9.85 -27.12 10.38
C HIS B 32 -8.70 -26.40 11.05
N THR B 33 -7.96 -25.65 10.25
CA THR B 33 -6.91 -24.80 10.76
C THR B 33 -7.23 -23.37 10.34
N VAL B 34 -6.82 -22.42 11.16
CA VAL B 34 -6.95 -21.01 10.85
C VAL B 34 -5.56 -20.40 10.84
N GLN B 35 -5.16 -19.88 9.68
CA GLN B 35 -3.88 -19.24 9.49
C GLN B 35 -4.11 -17.75 9.62
N VAL B 36 -3.53 -17.17 10.67
CA VAL B 36 -3.75 -15.77 11.01
C VAL B 36 -2.58 -14.95 10.50
N TYR B 37 -2.91 -13.94 9.71
CA TYR B 37 -1.96 -12.96 9.25
C TYR B 37 -2.12 -11.63 9.98
N ARG B 38 -1.03 -11.14 10.56
CA ARG B 38 -1.02 -9.89 11.29
C ARG B 38 -0.69 -8.74 10.33
N PHE B 39 -0.75 -7.50 10.85
CA PHE B 39 -0.56 -6.32 10.04
C PHE B 39 0.71 -6.40 9.22
N GLY B 40 0.59 -6.05 7.93
CA GLY B 40 1.72 -5.97 7.02
C GLY B 40 2.05 -7.25 6.30
N GLU B 41 1.60 -8.38 6.82
CA GLU B 41 1.96 -9.66 6.21
C GLU B 41 1.36 -9.80 4.81
N LEU B 42 0.19 -9.17 4.60
CA LEU B 42 -0.55 -9.22 3.31
C LEU B 42 -1.05 -7.84 2.89
N GLY B 43 -0.37 -6.81 3.39
CA GLY B 43 -0.78 -5.43 3.19
C GLY B 43 -1.58 -4.85 4.34
N GLU B 44 -2.06 -3.64 4.13
CA GLU B 44 -2.80 -2.93 5.17
C GLU B 44 -4.29 -3.18 5.01
N SER B 45 -5.10 -2.49 5.80
CA SER B 45 -6.53 -2.73 5.90
C SER B 45 -7.27 -2.79 4.56
N ASP B 46 -7.02 -1.84 3.68
CA ASP B 46 -7.76 -1.83 2.42
C ASP B 46 -7.41 -3.08 1.59
N ASP B 47 -6.15 -3.49 1.63
CA ASP B 47 -5.67 -4.59 0.81
C ASP B 47 -6.28 -5.89 1.32
N ILE B 48 -6.37 -6.05 2.64
CA ILE B 48 -6.89 -7.31 3.18
C ILE B 48 -8.41 -7.43 2.98
N MET B 49 -9.12 -6.30 2.94
CA MET B 49 -10.52 -6.32 2.56
C MET B 49 -10.70 -6.74 1.10
N GLU B 50 -9.90 -6.18 0.21
CA GLU B 50 -9.89 -6.60 -1.21
C GLU B 50 -9.73 -8.11 -1.34
N GLN B 51 -8.74 -8.67 -0.64
CA GLN B 51 -8.45 -10.09 -0.73
C GLN B 51 -9.53 -10.96 -0.13
N THR B 52 -10.33 -10.41 0.79
CA THR B 52 -11.44 -11.15 1.37
C THR B 52 -12.63 -11.14 0.43
N GLN B 53 -12.91 -9.98 -0.16
N GLN B 53 -12.93 -9.97 -0.12
CA GLN B 53 -14.02 -9.83 -1.08
CA GLN B 53 -13.98 -9.80 -1.11
C GLN B 53 -13.82 -10.62 -2.38
C GLN B 53 -13.80 -10.82 -2.23
N ASN B 54 -12.57 -10.88 -2.74
CA ASN B 54 -12.28 -11.74 -3.90
CA ASN B 54 -12.12 -11.72 -3.81
C ASN B 54 -11.98 -13.19 -3.56
N GLY B 55 -12.11 -13.55 -2.28
CA GLY B 55 -12.12 -14.94 -1.85
C GLY B 55 -10.77 -15.56 -1.54
N ILE B 56 -9.71 -14.78 -1.57
CA ILE B 56 -8.40 -15.27 -1.17
C ILE B 56 -8.39 -15.55 0.34
N LEU B 57 -8.86 -14.57 1.10
CA LEU B 57 -8.98 -14.72 2.54
C LEU B 57 -10.41 -15.10 2.86
N GLN B 58 -10.56 -15.90 3.92
CA GLN B 58 -11.87 -16.36 4.38
C GLN B 58 -12.44 -15.46 5.48
N PHE B 59 -11.56 -14.94 6.34
CA PHE B 59 -11.94 -14.05 7.45
C PHE B 59 -11.09 -12.79 7.43
N VAL B 60 -11.68 -11.66 7.79
CA VAL B 60 -10.96 -10.43 7.93
C VAL B 60 -11.52 -9.65 9.11
N ASN B 61 -10.63 -8.97 9.80
CA ASN B 61 -11.00 -8.03 10.84
C ASN B 61 -10.68 -6.67 10.27
N GLN B 62 -11.69 -5.88 9.96
CA GLN B 62 -11.50 -4.51 9.49
C GLN B 62 -12.30 -3.58 10.35
N SER B 63 -11.70 -2.45 10.68
CA SER B 63 -12.35 -1.45 11.52
C SER B 63 -13.17 -0.48 10.68
N PRO B 64 -14.32 -0.01 11.22
CA PRO B 64 -15.11 1.00 10.51
C PRO B 64 -14.34 2.23 10.04
N GLY B 65 -13.22 2.56 10.68
CA GLY B 65 -12.43 3.69 10.21
C GLY B 65 -12.00 3.53 8.77
N PHE B 66 -11.85 2.29 8.34
CA PHE B 66 -11.52 1.95 6.96
C PHE B 66 -12.72 1.51 6.16
N THR B 67 -13.57 0.71 6.77
CA THR B 67 -14.75 0.18 6.08
C THR B 67 -15.70 1.27 5.66
N GLY B 68 -15.72 2.35 6.42
CA GLY B 68 -16.67 3.45 6.19
C GLY B 68 -16.50 4.15 4.85
N SER B 69 -15.38 3.92 4.18
CA SER B 69 -15.21 4.37 2.80
C SER B 69 -16.01 3.57 1.77
N LEU B 70 -16.17 2.28 2.02
CA LEU B 70 -16.99 1.43 1.15
C LEU B 70 -18.40 1.19 1.66
N ILE B 71 -18.60 1.17 2.97
CA ILE B 71 -19.91 0.96 3.55
C ILE B 71 -20.20 2.21 4.36
N PRO B 72 -20.87 3.20 3.74
CA PRO B 72 -21.04 4.49 4.43
C PRO B 72 -21.69 4.46 5.82
N SER B 73 -22.59 3.52 6.06
CA SER B 73 -23.27 3.43 7.34
C SER B 73 -22.30 3.13 8.48
N ALA B 74 -21.17 2.49 8.17
CA ALA B 74 -20.15 2.18 9.19
C ALA B 74 -19.52 3.43 9.79
N GLN B 75 -19.71 4.57 9.12
CA GLN B 75 -19.19 5.84 9.62
C GLN B 75 -19.87 6.33 10.88
N ILE B 76 -21.00 5.73 11.22
CA ILE B 76 -21.75 6.18 12.39
C ILE B 76 -20.93 6.27 13.69
N PHE B 77 -19.93 5.41 13.81
CA PHE B 77 -19.09 5.39 15.02
C PHE B 77 -18.20 6.62 15.16
N PHE B 78 -18.17 7.45 14.13
CA PHE B 78 -17.34 8.65 14.14
C PHE B 78 -18.12 9.94 14.34
N ILE B 79 -19.41 9.81 14.64
CA ILE B 79 -20.16 10.93 15.19
C ILE B 79 -19.68 11.14 16.62
N PRO B 80 -19.03 12.27 16.88
CA PRO B 80 -18.43 12.42 18.21
C PRO B 80 -19.49 12.56 19.30
N TYR B 81 -19.19 11.96 20.45
CA TYR B 81 -20.04 12.02 21.66
C TYR B 81 -21.35 11.21 21.57
N LEU B 82 -21.51 10.44 20.49
CA LEU B 82 -22.65 9.55 20.33
C LEU B 82 -22.51 8.35 21.28
N MET B 83 -21.34 7.73 21.26
CA MET B 83 -21.09 6.56 22.12
C MET B 83 -20.91 6.93 23.58
N PRO B 84 -21.30 6.03 24.50
CA PRO B 84 -21.02 6.26 25.91
C PRO B 84 -19.52 6.22 26.20
N THR B 85 -19.13 6.85 27.29
CA THR B 85 -17.73 7.01 27.67
C THR B 85 -17.17 5.78 28.40
N ASP B 86 -17.98 5.16 29.25
CA ASP B 86 -17.52 4.11 30.16
C ASP B 86 -17.61 2.69 29.55
N MET B 87 -16.57 1.91 29.79
N MET B 87 -16.58 1.88 29.81
CA MET B 87 -16.49 0.50 29.35
CA MET B 87 -16.52 0.52 29.30
C MET B 87 -17.77 -0.29 29.60
C MET B 87 -17.78 -0.31 29.59
N ASP B 88 -18.25 -0.29 30.84
CA ASP B 88 -19.38 -1.13 31.21
C ASP B 88 -20.65 -0.83 30.39
N THR B 89 -20.88 0.44 30.08
CA THR B 89 -22.03 0.84 29.24
C THR B 89 -21.80 0.44 27.77
N VAL B 90 -20.59 0.64 27.30
CA VAL B 90 -20.22 0.28 25.93
C VAL B 90 -20.39 -1.23 25.75
N LEU B 91 -19.99 -2.03 26.74
CA LEU B 91 -20.15 -3.46 26.63
C LEU B 91 -21.61 -3.86 26.57
N GLU B 92 -22.45 -3.24 27.38
CA GLU B 92 -23.89 -3.51 27.33
C GLU B 92 -24.49 -3.15 25.98
N PHE B 93 -24.06 -2.00 25.46
CA PHE B 93 -24.48 -1.57 24.11
C PHE B 93 -24.11 -2.58 23.03
N PHE B 94 -22.88 -3.06 23.04
CA PHE B 94 -22.44 -4.00 22.01
C PHE B 94 -23.17 -5.34 22.10
N ASP B 95 -23.55 -5.73 23.31
CA ASP B 95 -24.33 -6.96 23.51
C ASP B 95 -25.80 -6.82 23.11
N GLU B 96 -26.41 -5.67 23.40
CA GLU B 96 -27.86 -5.50 23.29
C GLU B 96 -28.36 -4.74 22.06
N SER B 97 -27.49 -3.93 21.46
CA SER B 97 -27.88 -3.05 20.36
C SER B 97 -28.42 -3.79 19.13
N LYS B 98 -29.63 -3.40 18.69
CA LYS B 98 -30.23 -3.90 17.46
C LYS B 98 -29.50 -3.34 16.25
N ALA B 99 -28.99 -2.12 16.36
CA ALA B 99 -28.18 -1.57 15.28
C ALA B 99 -26.97 -2.47 15.04
N ILE B 100 -26.26 -2.82 16.12
CA ILE B 100 -25.07 -3.64 16.01
C ILE B 100 -25.39 -5.08 15.57
N ASN B 101 -26.40 -5.69 16.18
CA ASN B 101 -26.59 -7.13 16.07
C ASN B 101 -27.55 -7.56 14.97
N GLU B 102 -28.40 -6.64 14.50
CA GLU B 102 -29.41 -6.96 13.48
C GLU B 102 -29.21 -6.15 12.22
N MET B 103 -29.08 -4.83 12.36
CA MET B 103 -29.00 -3.95 11.19
C MET B 103 -27.67 -3.98 10.46
N PHE B 104 -26.57 -3.93 11.20
CA PHE B 104 -25.27 -3.91 10.56
C PHE B 104 -24.97 -5.17 9.76
N PRO B 105 -25.31 -6.36 10.28
CA PRO B 105 -25.15 -7.55 9.44
C PRO B 105 -25.81 -7.46 8.04
N LYS B 106 -26.97 -6.82 7.95
CA LYS B 106 -27.63 -6.67 6.67
C LYS B 106 -26.88 -5.73 5.77
N LEU B 107 -26.33 -4.67 6.34
CA LEU B 107 -25.59 -3.67 5.59
C LEU B 107 -24.28 -4.22 5.05
N TYR B 108 -23.64 -5.08 5.83
CA TYR B 108 -22.40 -5.74 5.40
C TYR B 108 -22.67 -6.82 4.36
N ALA B 109 -23.79 -7.50 4.51
CA ALA B 109 -24.20 -8.55 3.57
C ALA B 109 -24.40 -8.01 2.15
N GLU B 110 -24.77 -6.73 2.01
CA GLU B 110 -24.87 -6.09 0.70
C GLU B 110 -23.54 -6.00 -0.02
N HIS B 111 -22.44 -6.08 0.73
CA HIS B 111 -21.09 -5.98 0.21
C HIS B 111 -20.38 -7.33 0.22
N GLY B 112 -21.13 -8.41 0.37
CA GLY B 112 -20.59 -9.76 0.24
C GLY B 112 -19.81 -10.22 1.43
N LEU B 113 -20.17 -9.67 2.59
CA LEU B 113 -19.49 -9.95 3.86
C LEU B 113 -20.49 -10.48 4.88
N GLU B 114 -20.11 -11.56 5.54
CA GLU B 114 -20.88 -12.10 6.67
C GLU B 114 -20.28 -11.52 7.94
N LEU B 115 -20.97 -10.56 8.53
CA LEU B 115 -20.53 -9.90 9.76
C LEU B 115 -20.72 -10.84 10.94
N LEU B 116 -19.62 -11.21 11.57
CA LEU B 116 -19.65 -12.18 12.66
C LEU B 116 -19.65 -11.53 14.03
N LYS B 117 -18.85 -10.47 14.20
CA LYS B 117 -18.82 -9.74 15.46
C LYS B 117 -18.36 -8.35 15.28
N MET B 118 -18.95 -7.43 16.02
CA MET B 118 -18.40 -6.09 16.21
CA MET B 118 -18.39 -6.09 16.21
C MET B 118 -18.00 -5.99 17.67
N TYR B 119 -16.88 -5.36 17.97
CA TYR B 119 -16.42 -5.26 19.32
C TYR B 119 -15.59 -4.00 19.55
N PRO B 120 -15.62 -3.47 20.76
CA PRO B 120 -14.80 -2.32 21.08
C PRO B 120 -13.36 -2.72 21.39
N GLU B 121 -12.44 -1.81 21.16
CA GLU B 121 -11.02 -2.02 21.53
C GLU B 121 -10.57 -1.12 22.67
N GLY B 122 -11.03 0.11 22.67
CA GLY B 122 -10.64 1.08 23.69
C GLY B 122 -11.07 2.48 23.34
N GLU B 123 -11.12 3.33 24.37
CA GLU B 123 -11.47 4.74 24.24
C GLU B 123 -10.47 5.40 23.31
N MET B 124 -10.96 6.24 22.41
CA MET B 124 -10.15 7.04 21.52
C MET B 124 -9.47 8.17 22.31
N VAL B 125 -8.15 8.27 22.17
CA VAL B 125 -7.31 9.32 22.82
C VAL B 125 -6.55 10.05 21.72
N VAL B 126 -6.50 11.37 21.83
CA VAL B 126 -5.76 12.20 20.90
C VAL B 126 -4.31 12.30 21.40
N THR B 127 -3.36 12.17 20.48
CA THR B 127 -1.98 12.50 20.82
C THR B 127 -1.53 13.57 19.87
N ALA B 128 -0.70 14.47 20.37
CA ALA B 128 -0.24 15.60 19.57
C ALA B 128 1.02 16.17 20.16
N ASP B 129 1.54 17.20 19.50
CA ASP B 129 2.75 17.89 19.94
C ASP B 129 2.53 18.89 21.07
N GLU B 130 1.26 19.12 21.43
CA GLU B 130 0.90 19.87 22.64
C GLU B 130 -0.44 19.33 23.17
N PRO B 131 -0.79 19.67 24.42
CA PRO B 131 -2.11 19.33 24.93
C PRO B 131 -3.19 20.06 24.15
N ILE B 132 -4.31 19.38 23.92
CA ILE B 132 -5.43 19.95 23.15
C ILE B 132 -6.61 20.12 24.07
N THR B 133 -6.86 21.32 24.54
CA THR B 133 -7.94 21.51 25.53
C THR B 133 -9.17 22.16 24.92
N SER B 134 -9.07 22.60 23.67
CA SER B 134 -10.17 23.27 23.02
C SER B 134 -10.07 23.18 21.51
N PRO B 135 -11.19 23.43 20.82
CA PRO B 135 -11.08 23.48 19.37
C PRO B 135 -10.02 24.46 18.86
N GLU B 136 -9.84 25.55 19.58
CA GLU B 136 -8.83 26.53 19.18
C GLU B 136 -7.40 25.92 19.18
N ASP B 137 -7.16 24.98 20.08
CA ASP B 137 -5.84 24.30 20.13
C ASP B 137 -5.57 23.40 18.91
N PHE B 138 -6.63 22.95 18.23
CA PHE B 138 -6.49 22.19 17.00
C PHE B 138 -6.15 23.03 15.78
N ASP B 139 -6.28 24.35 15.88
CA ASP B 139 -6.09 25.21 14.71
C ASP B 139 -4.74 24.92 14.05
N ASN B 140 -4.78 24.65 12.74
CA ASN B 140 -3.61 24.33 11.93
C ASN B 140 -2.85 23.06 12.33
N LYS B 141 -3.47 22.24 13.18
CA LYS B 141 -2.88 20.95 13.53
C LYS B 141 -3.30 19.91 12.50
N LYS B 142 -2.31 19.29 11.86
CA LYS B 142 -2.56 18.23 10.90
CA LYS B 142 -2.56 18.24 10.90
C LYS B 142 -2.73 16.94 11.69
N ILE B 143 -3.97 16.51 11.87
CA ILE B 143 -4.26 15.33 12.66
C ILE B 143 -4.59 14.17 11.75
N ARG B 144 -3.81 13.10 11.87
CA ARG B 144 -4.05 11.92 11.06
C ARG B 144 -5.32 11.21 11.50
N THR B 145 -6.08 10.77 10.50
CA THR B 145 -7.26 9.96 10.72
C THR B 145 -7.16 8.72 9.86
N MET B 146 -7.95 7.72 10.24
CA MET B 146 -8.24 6.61 9.33
C MET B 146 -8.98 7.16 8.11
N THR B 147 -9.12 6.32 7.11
CA THR B 147 -9.49 6.81 5.81
C THR B 147 -10.96 6.56 5.53
N ASN B 148 -11.85 7.29 6.21
CA ASN B 148 -13.27 7.41 5.83
CA ASN B 148 -13.27 7.41 5.81
C ASN B 148 -13.69 8.88 5.83
N PRO B 149 -14.66 9.25 4.97
CA PRO B 149 -15.02 10.66 4.83
C PRO B 149 -15.49 11.35 6.11
N LEU B 150 -16.33 10.68 6.89
CA LEU B 150 -16.94 11.35 8.05
C LEU B 150 -15.91 11.68 9.13
N LEU B 151 -14.92 10.82 9.32
CA LEU B 151 -13.92 11.10 10.33
C LEU B 151 -13.14 12.37 9.97
N ALA B 152 -12.92 12.61 8.68
CA ALA B 152 -12.26 13.84 8.27
C ALA B 152 -13.16 15.02 8.64
N GLU B 153 -14.45 14.87 8.41
CA GLU B 153 -15.40 15.95 8.77
C GLU B 153 -15.45 16.19 10.27
N THR B 154 -15.27 15.14 11.06
CA THR B 154 -15.24 15.30 12.52
C THR B 154 -14.10 16.19 12.97
N TYR B 155 -12.91 15.90 12.47
CA TYR B 155 -11.75 16.68 12.84
C TYR B 155 -11.78 18.09 12.26
N LYS B 156 -12.37 18.25 11.09
CA LYS B 156 -12.65 19.60 10.61
C LYS B 156 -13.57 20.35 11.58
N ALA B 157 -14.64 19.69 12.04
CA ALA B 157 -15.58 20.29 12.98
C ALA B 157 -14.88 20.69 14.27
N PHE B 158 -13.92 19.88 14.69
CA PHE B 158 -13.13 20.13 15.90
C PHE B 158 -12.09 21.25 15.75
N GLY B 159 -11.84 21.67 14.51
CA GLY B 159 -10.95 22.78 14.19
C GLY B 159 -9.60 22.39 13.62
N ALA B 160 -9.41 21.08 13.43
CA ALA B 160 -8.17 20.56 12.94
C ALA B 160 -8.15 20.51 11.41
N THR B 161 -6.98 20.16 10.88
CA THR B 161 -6.76 19.92 9.47
C THR B 161 -6.59 18.42 9.30
N PRO B 162 -7.69 17.72 9.02
CA PRO B 162 -7.62 16.27 8.96
C PRO B 162 -6.74 15.77 7.81
N THR B 163 -5.97 14.73 8.09
CA THR B 163 -4.97 14.22 7.17
C THR B 163 -5.15 12.71 7.15
N PRO B 164 -6.03 12.20 6.28
CA PRO B 164 -6.19 10.76 6.25
C PRO B 164 -4.94 10.08 5.71
N LEU B 165 -4.49 9.05 6.42
CA LEU B 165 -3.35 8.26 6.00
C LEU B 165 -3.57 6.83 6.40
N PRO B 166 -3.05 5.88 5.62
CA PRO B 166 -3.02 4.50 6.09
C PRO B 166 -2.10 4.36 7.30
N TRP B 167 -2.30 3.32 8.10
CA TRP B 167 -1.51 3.19 9.33
C TRP B 167 0.01 3.23 9.13
N GLY B 168 0.50 2.57 8.09
CA GLY B 168 1.94 2.45 7.92
C GLY B 168 2.72 3.76 7.80
N GLU B 169 2.02 4.84 7.48
CA GLU B 169 2.68 6.15 7.32
C GLU B 169 2.71 7.03 8.60
N VAL B 170 2.14 6.55 9.71
CA VAL B 170 1.87 7.42 10.84
C VAL B 170 3.08 7.68 11.73
N TYR B 171 3.81 6.65 12.12
CA TYR B 171 4.92 6.84 13.05
C TYR B 171 5.96 7.80 12.47
N GLY B 172 6.41 7.50 11.25
CA GLY B 172 7.36 8.36 10.55
C GLY B 172 6.85 9.77 10.33
N GLY B 173 5.57 9.87 9.97
CA GLY B 173 4.89 11.18 9.79
C GLY B 173 4.91 12.08 11.01
N LEU B 174 4.67 11.49 12.18
CA LEU B 174 4.75 12.20 13.43
C LEU B 174 6.20 12.63 13.69
N GLN B 175 7.12 11.72 13.40
CA GLN B 175 8.56 11.95 13.65
C GLN B 175 9.08 13.15 12.86
N THR B 176 8.71 13.22 11.59
CA THR B 176 9.19 14.23 10.67
C THR B 176 8.29 15.47 10.54
N GLY B 177 7.17 15.48 11.27
CA GLY B 177 6.26 16.63 11.25
C GLY B 177 5.30 16.74 10.08
N ILE B 178 5.15 15.69 9.28
CA ILE B 178 4.14 15.65 8.23
C ILE B 178 2.75 15.72 8.84
N ILE B 179 2.62 15.14 10.03
CA ILE B 179 1.40 15.23 10.83
C ILE B 179 1.81 15.66 12.22
N ASP B 180 0.90 16.33 12.91
CA ASP B 180 1.10 16.89 14.24
C ASP B 180 0.48 16.03 15.32
N GLY B 181 -0.35 15.06 14.93
CA GLY B 181 -1.03 14.25 15.91
C GLY B 181 -1.88 13.21 15.26
N GLN B 182 -2.55 12.42 16.11
CA GLN B 182 -3.34 11.30 15.64
C GLN B 182 -4.29 10.94 16.76
N GLU B 183 -5.13 9.93 16.52
CA GLU B 183 -6.05 9.50 17.57
C GLU B 183 -6.11 7.98 17.53
N ASN B 184 -6.07 7.38 18.71
CA ASN B 184 -6.10 5.94 18.83
C ASN B 184 -6.34 5.54 20.27
N PRO B 185 -6.69 4.27 20.49
CA PRO B 185 -6.74 3.83 21.88
C PRO B 185 -5.37 3.69 22.50
N ILE B 186 -5.33 3.81 23.82
CA ILE B 186 -4.08 3.84 24.57
C ILE B 186 -3.26 2.55 24.37
N PHE B 187 -3.90 1.39 24.29
CA PHE B 187 -3.15 0.15 24.17
C PHE B 187 -2.27 0.18 22.91
N TRP B 188 -2.79 0.82 21.85
CA TRP B 188 -2.11 0.89 20.53
C TRP B 188 -1.03 1.97 20.54
N ILE B 189 -1.34 3.08 21.19
CA ILE B 189 -0.37 4.13 21.41
C ILE B 189 0.82 3.53 22.15
N GLU B 190 0.55 2.69 23.16
CA GLU B 190 1.63 2.07 23.93
C GLU B 190 2.35 1.04 23.09
N SER B 191 1.62 0.10 22.52
CA SER B 191 2.29 -1.04 21.87
C SER B 191 3.05 -0.60 20.62
N GLY B 192 2.59 0.47 19.96
CA GLY B 192 3.27 0.99 18.76
C GLY B 192 4.34 2.02 19.06
N GLY B 193 4.51 2.36 20.33
CA GLY B 193 5.51 3.33 20.76
C GLY B 193 5.26 4.75 20.30
N LEU B 194 4.01 5.07 20.00
CA LEU B 194 3.65 6.37 19.45
C LEU B 194 3.92 7.53 20.38
N TYR B 195 3.85 7.27 21.68
CA TYR B 195 4.13 8.28 22.70
C TYR B 195 5.56 8.78 22.64
N GLU B 196 6.44 8.02 21.98
CA GLU B 196 7.82 8.44 21.79
C GLU B 196 7.91 9.61 20.81
N VAL B 197 6.96 9.71 19.88
CA VAL B 197 6.97 10.75 18.84
C VAL B 197 5.77 11.72 18.90
N SER B 198 4.87 11.47 19.85
CA SER B 198 3.61 12.21 19.98
C SER B 198 3.20 12.14 21.45
N PRO B 199 3.92 12.85 22.32
CA PRO B 199 3.89 12.63 23.76
C PRO B 199 2.77 13.25 24.59
N ASN B 200 1.94 14.11 24.00
CA ASN B 200 0.89 14.79 24.72
C ASN B 200 -0.42 14.11 24.45
N LEU B 201 -0.93 13.41 25.46
CA LEU B 201 -2.16 12.65 25.34
C LEU B 201 -3.30 13.47 25.90
N THR B 202 -4.39 13.58 25.16
CA THR B 202 -5.56 14.27 25.63
C THR B 202 -6.77 13.34 25.55
N PHE B 203 -7.41 13.13 26.70
CA PHE B 203 -8.65 12.36 26.79
C PHE B 203 -9.83 13.28 26.55
N THR B 204 -10.36 13.23 25.33
CA THR B 204 -11.47 14.08 24.89
C THR B 204 -12.83 13.44 25.14
N SER B 205 -12.85 12.13 25.37
CA SER B 205 -14.06 11.35 25.59
C SER B 205 -15.04 11.38 24.40
N HIS B 206 -14.52 11.58 23.20
CA HIS B 206 -15.41 11.75 22.02
C HIS B 206 -15.80 10.45 21.34
N GLY B 207 -15.13 9.36 21.66
CA GLY B 207 -15.45 8.13 20.99
C GLY B 207 -14.64 6.94 21.43
N TRP B 208 -14.96 5.81 20.82
CA TRP B 208 -14.29 4.55 21.07
C TRP B 208 -13.75 4.01 19.77
N PHE B 209 -12.58 3.39 19.82
CA PHE B 209 -12.13 2.61 18.69
C PHE B 209 -12.86 1.30 18.71
N THR B 210 -13.58 1.04 17.63
CA THR B 210 -14.31 -0.22 17.49
C THR B 210 -13.87 -0.94 16.23
N THR B 211 -14.20 -2.22 16.15
CA THR B 211 -13.79 -3.02 15.01
C THR B 211 -14.81 -4.10 14.70
N ALA B 212 -14.55 -4.84 13.63
CA ALA B 212 -15.47 -5.88 13.16
C ALA B 212 -14.68 -7.04 12.61
N MET B 213 -15.24 -8.23 12.80
CA MET B 213 -14.70 -9.41 12.17
C MET B 213 -15.79 -10.04 11.32
N MET B 214 -15.41 -10.42 10.12
CA MET B 214 -16.35 -10.93 9.15
C MET B 214 -15.73 -12.01 8.30
N ALA B 215 -16.59 -12.76 7.66
CA ALA B 215 -16.20 -13.77 6.68
C ALA B 215 -16.63 -13.34 5.26
N ASN B 216 -15.89 -13.80 4.26
CA ASN B 216 -16.37 -13.75 2.89
C ASN B 216 -17.71 -14.52 2.89
N GLN B 217 -18.74 -13.88 2.36
CA GLN B 217 -20.08 -14.45 2.49
C GLN B 217 -20.27 -15.72 1.65
N ASP B 218 -19.76 -15.72 0.43
CA ASP B 218 -19.88 -16.92 -0.41
C ASP B 218 -19.19 -18.11 0.26
N PHE B 219 -18.03 -17.86 0.86
CA PHE B 219 -17.34 -18.88 1.65
C PHE B 219 -18.23 -19.37 2.80
N TYR B 220 -18.76 -18.44 3.58
CA TYR B 220 -19.51 -18.81 4.76
C TYR B 220 -20.76 -19.58 4.37
N GLU B 221 -21.45 -19.11 3.33
CA GLU B 221 -22.69 -19.77 2.90
C GLU B 221 -22.43 -21.12 2.27
N GLY B 222 -21.19 -21.35 1.82
CA GLY B 222 -20.76 -22.66 1.30
C GLY B 222 -20.41 -23.69 2.36
N LEU B 223 -20.23 -23.25 3.60
CA LEU B 223 -19.95 -24.18 4.69
C LEU B 223 -21.17 -24.99 5.07
N SER B 224 -20.91 -26.17 5.60
CA SER B 224 -21.97 -26.97 6.17
C SER B 224 -22.58 -26.23 7.35
N GLU B 225 -23.80 -26.62 7.74
CA GLU B 225 -24.46 -26.01 8.88
C GLU B 225 -23.64 -26.22 10.16
N GLU B 226 -22.99 -27.38 10.28
CA GLU B 226 -22.08 -27.68 11.38
CA GLU B 226 -22.08 -27.67 11.39
C GLU B 226 -20.91 -26.68 11.44
N ASP B 227 -20.25 -26.48 10.31
CA ASP B 227 -19.12 -25.54 10.25
C ASP B 227 -19.55 -24.09 10.38
N GLN B 228 -20.74 -23.73 9.90
CA GLN B 228 -21.26 -22.38 10.15
C GLN B 228 -21.44 -22.14 11.65
N GLN B 229 -21.97 -23.14 12.35
CA GLN B 229 -22.13 -23.06 13.81
C GLN B 229 -20.79 -22.98 14.55
N LEU B 230 -19.82 -23.75 14.08
CA LEU B 230 -18.46 -23.72 14.60
C LEU B 230 -17.89 -22.30 14.54
N VAL B 231 -18.07 -21.66 13.40
CA VAL B 231 -17.59 -20.29 13.19
C VAL B 231 -18.28 -19.33 14.15
N GLN B 232 -19.60 -19.50 14.29
CA GLN B 232 -20.37 -18.62 15.20
C GLN B 232 -19.92 -18.79 16.65
N ASP B 233 -19.73 -20.05 17.05
CA ASP B 233 -19.28 -20.36 18.40
C ASP B 233 -17.87 -19.88 18.65
N ALA B 234 -17.01 -20.00 17.63
CA ALA B 234 -15.64 -19.49 17.72
C ALA B 234 -15.62 -17.98 17.86
N ALA B 235 -16.45 -17.29 17.08
CA ALA B 235 -16.59 -15.84 17.20
C ALA B 235 -17.06 -15.41 18.59
N ASP B 236 -18.05 -16.13 19.12
CA ASP B 236 -18.54 -15.89 20.49
C ASP B 236 -17.45 -16.07 21.54
N ALA B 237 -16.71 -17.16 21.43
CA ALA B 237 -15.58 -17.45 22.32
C ALA B 237 -14.52 -16.37 22.25
N ALA B 238 -14.21 -15.95 21.03
CA ALA B 238 -13.19 -14.94 20.81
C ALA B 238 -13.63 -13.61 21.40
N TYR B 239 -14.91 -13.29 21.25
CA TYR B 239 -15.46 -12.03 21.80
C TYR B 239 -15.31 -12.04 23.32
N ASP B 240 -15.74 -13.12 23.97
CA ASP B 240 -15.66 -13.19 25.42
C ASP B 240 -14.23 -13.04 25.94
N HIS B 241 -13.32 -13.73 25.27
CA HIS B 241 -11.92 -13.71 25.67
C HIS B 241 -11.37 -12.29 25.50
N THR B 242 -11.80 -11.62 24.44
CA THR B 242 -11.25 -10.30 24.12
C THR B 242 -11.78 -9.26 25.07
N ILE B 243 -13.06 -9.37 25.42
CA ILE B 243 -13.66 -8.49 26.41
C ILE B 243 -12.95 -8.60 27.76
N GLU B 244 -12.61 -9.83 28.16
CA GLU B 244 -11.82 -10.05 29.39
C GLU B 244 -10.47 -9.38 29.29
N HIS B 245 -9.87 -9.47 28.10
CA HIS B 245 -8.55 -8.91 27.86
C HIS B 245 -8.55 -7.40 27.98
N ILE B 246 -9.57 -6.74 27.44
CA ILE B 246 -9.55 -5.28 27.42
C ILE B 246 -9.94 -4.66 28.76
N LYS B 247 -10.47 -5.46 29.67
CA LYS B 247 -10.77 -4.97 31.00
C LYS B 247 -9.48 -4.56 31.70
N GLY B 248 -9.39 -3.28 32.03
CA GLY B 248 -8.20 -2.71 32.66
C GLY B 248 -7.01 -2.46 31.76
N LEU B 249 -7.14 -2.76 30.47
CA LEU B 249 -6.03 -2.68 29.56
C LEU B 249 -5.61 -1.24 29.33
N SER B 250 -6.56 -0.35 29.14
N SER B 250 -6.56 -0.35 29.14
CA SER B 250 -6.26 1.05 28.93
CA SER B 250 -6.22 1.07 28.92
C SER B 250 -5.45 1.62 30.12
C SER B 250 -5.49 1.68 30.12
N GLU B 251 -5.91 1.34 31.34
CA GLU B 251 -5.25 1.81 32.56
C GLU B 251 -3.84 1.23 32.69
N GLU B 252 -3.70 -0.07 32.41
CA GLU B 252 -2.41 -0.74 32.48
C GLU B 252 -1.47 -0.15 31.47
N SER B 253 -1.95 0.06 30.25
CA SER B 253 -1.15 0.60 29.17
C SER B 253 -0.74 2.04 29.43
N LEU B 254 -1.61 2.85 30.02
CA LEU B 254 -1.23 4.23 30.37
C LEU B 254 -0.17 4.25 31.46
N GLU B 255 -0.32 3.42 32.48
CA GLU B 255 0.69 3.35 33.54
C GLU B 255 2.04 2.99 32.93
N LYS B 256 2.05 2.07 31.97
CA LYS B 256 3.24 1.61 31.26
C LYS B 256 3.89 2.73 30.45
N ILE B 257 3.08 3.49 29.73
CA ILE B 257 3.57 4.65 29.00
C ILE B 257 4.25 5.65 29.92
N LYS B 258 3.61 5.98 31.02
CA LYS B 258 4.12 6.94 31.99
C LYS B 258 5.42 6.50 32.62
N ALA B 259 5.58 5.19 32.83
CA ALA B 259 6.82 4.65 33.38
C ALA B 259 7.93 4.65 32.34
N ALA B 260 7.57 4.53 31.06
CA ALA B 260 8.51 4.49 29.94
C ALA B 260 9.05 5.86 29.52
N SER B 261 8.28 6.91 29.78
CA SER B 261 8.65 8.23 29.27
C SER B 261 8.33 9.36 30.22
N ASP B 262 9.37 10.12 30.60
CA ASP B 262 9.19 11.32 31.41
C ASP B 262 8.66 12.51 30.60
N GLU B 263 8.69 12.39 29.26
CA GLU B 263 8.23 13.45 28.36
C GLU B 263 6.70 13.44 28.13
N VAL B 264 6.05 12.35 28.51
CA VAL B 264 4.61 12.21 28.25
C VAL B 264 3.83 13.09 29.19
N THR B 265 2.81 13.78 28.65
CA THR B 265 1.85 14.51 29.44
C THR B 265 0.48 13.90 29.19
N VAL B 266 -0.37 13.99 30.20
CA VAL B 266 -1.75 13.54 30.14
C VAL B 266 -2.64 14.65 30.57
N THR B 267 -3.60 14.97 29.69
CA THR B 267 -4.60 15.98 29.89
C THR B 267 -5.95 15.31 29.80
N ARG B 268 -6.80 15.50 30.82
CA ARG B 268 -8.15 14.99 30.80
C ARG B 268 -9.07 16.19 30.76
N LEU B 269 -9.91 16.29 29.75
CA LEU B 269 -10.78 17.46 29.64
C LEU B 269 -11.80 17.51 30.77
N ASN B 270 -12.07 18.72 31.25
N ASN B 270 -12.11 18.72 31.21
CA ASN B 270 -13.14 18.96 32.21
CA ASN B 270 -13.19 18.97 32.16
C ASN B 270 -14.47 19.08 31.46
C ASN B 270 -14.50 18.96 31.43
N ASP B 271 -15.59 19.03 32.19
CA ASP B 271 -16.90 19.00 31.59
C ASP B 271 -17.15 20.23 30.69
N GLU B 272 -16.67 21.39 31.12
CA GLU B 272 -16.79 22.61 30.31
C GLU B 272 -16.01 22.49 28.99
N GLN B 273 -14.81 21.91 29.07
CA GLN B 273 -13.98 21.71 27.87
C GLN B 273 -14.61 20.68 26.93
N ILE B 274 -15.19 19.63 27.50
CA ILE B 274 -15.89 18.60 26.71
C ILE B 274 -17.10 19.21 25.99
N GLN B 275 -17.85 20.06 26.70
CA GLN B 275 -19.02 20.69 26.12
C GLN B 275 -18.69 21.49 24.87
N ALA B 276 -17.55 22.14 24.86
CA ALA B 276 -17.12 22.92 23.70
C ALA B 276 -16.92 22.04 22.45
N PHE B 277 -16.40 20.84 22.65
CA PHE B 277 -16.28 19.88 21.56
C PHE B 277 -17.63 19.27 21.23
N LYS B 278 -18.47 19.04 22.25
CA LYS B 278 -19.81 18.47 22.05
C LYS B 278 -20.66 19.36 21.16
N GLU B 279 -20.44 20.67 21.26
CA GLU B 279 -21.17 21.64 20.45
C GLU B 279 -20.83 21.55 18.96
N ARG B 280 -19.71 20.87 18.63
CA ARG B 280 -19.29 20.63 17.25
C ARG B 280 -19.87 19.34 16.66
N ALA B 281 -20.53 18.52 17.47
CA ALA B 281 -21.04 17.22 17.04
C ALA B 281 -22.27 17.27 16.10
N PRO B 282 -23.24 18.17 16.35
CA PRO B 282 -24.43 18.21 15.50
C PRO B 282 -24.14 18.37 14.00
N GLN B 283 -23.15 19.21 13.66
CA GLN B 283 -22.79 19.39 12.27
C GLN B 283 -22.30 18.08 11.64
N VAL B 284 -21.65 17.23 12.44
CA VAL B 284 -21.12 15.95 11.95
C VAL B 284 -22.24 14.98 11.76
N GLU B 285 -23.20 14.97 12.69
CA GLU B 285 -24.38 14.12 12.60
C GLU B 285 -25.15 14.48 11.33
N GLU B 286 -25.32 15.78 11.07
CA GLU B 286 -26.04 16.18 9.86
C GLU B 286 -25.32 15.71 8.61
N LYS B 287 -24.00 15.75 8.63
N LYS B 287 -24.00 15.76 8.62
CA LYS B 287 -23.21 15.24 7.51
CA LYS B 287 -23.24 15.26 7.47
C LYS B 287 -23.44 13.74 7.34
C LYS B 287 -23.35 13.74 7.32
N PHE B 288 -23.42 13.00 8.43
CA PHE B 288 -23.66 11.56 8.37
C PHE B 288 -24.98 11.26 7.66
N ILE B 289 -26.02 11.98 8.03
CA ILE B 289 -27.35 11.84 7.49
CA ILE B 289 -27.34 11.72 7.44
C ILE B 289 -27.39 12.13 5.97
N GLU B 290 -26.69 13.19 5.58
CA GLU B 290 -26.60 13.57 4.17
C GLU B 290 -25.87 12.49 3.38
N MET B 291 -24.87 11.84 3.97
CA MET B 291 -24.08 10.82 3.26
C MET B 291 -24.82 9.51 3.11
N THR B 292 -25.75 9.23 4.02
CA THR B 292 -26.38 7.90 4.11
C THR B 292 -27.89 7.86 3.86
N GLY B 293 -28.53 9.01 3.76
CA GLY B 293 -29.95 9.07 3.40
C GLY B 293 -30.88 8.52 4.47
N GLU B 294 -32.09 8.11 4.03
CA GLU B 294 -33.12 7.60 4.93
C GLU B 294 -32.69 6.32 5.65
N GLN B 295 -31.91 5.48 4.98
CA GLN B 295 -31.36 4.26 5.59
C GLN B 295 -30.44 4.62 6.75
N GLY B 296 -29.61 5.64 6.54
CA GLY B 296 -28.73 6.15 7.58
C GLY B 296 -29.51 6.74 8.75
N GLN B 297 -30.58 7.47 8.43
CA GLN B 297 -31.51 7.98 9.46
C GLN B 297 -32.11 6.85 10.29
N GLU B 298 -32.50 5.75 9.64
CA GLU B 298 -33.03 4.57 10.32
C GLU B 298 -32.01 3.97 11.29
N LEU B 299 -30.80 3.76 10.80
CA LEU B 299 -29.74 3.21 11.63
C LEU B 299 -29.44 4.10 12.83
N LEU B 300 -29.30 5.40 12.59
CA LEU B 300 -28.99 6.37 13.64
C LEU B 300 -30.09 6.38 14.70
N ASP B 301 -31.35 6.35 14.24
CA ASP B 301 -32.46 6.30 15.17
C ASP B 301 -32.39 5.08 16.09
N GLN B 302 -32.06 3.94 15.51
CA GLN B 302 -31.96 2.71 16.27
C GLN B 302 -30.75 2.74 17.20
N PHE B 303 -29.63 3.24 16.71
CA PHE B 303 -28.42 3.37 17.49
C PHE B 303 -28.73 4.23 18.73
N LYS B 304 -29.41 5.36 18.53
CA LYS B 304 -29.83 6.22 19.65
C LYS B 304 -30.79 5.54 20.63
N ALA B 305 -31.74 4.78 20.10
CA ALA B 305 -32.65 4.00 20.96
C ALA B 305 -31.89 2.97 21.80
N ASP B 306 -30.88 2.35 21.19
CA ASP B 306 -30.07 1.35 21.86
C ASP B 306 -29.24 1.97 22.99
N LEU B 307 -28.70 3.15 22.75
CA LEU B 307 -27.96 3.91 23.77
C LEU B 307 -28.87 4.29 24.93
N LYS B 308 -30.07 4.76 24.60
CA LYS B 308 -31.04 5.12 25.63
C LYS B 308 -31.35 3.90 26.52
N ALA B 309 -31.48 2.75 25.88
CA ALA B 309 -31.84 1.50 26.58
C ALA B 309 -30.79 1.05 27.60
N VAL B 310 -29.52 1.40 27.36
CA VAL B 310 -28.44 1.09 28.29
C VAL B 310 -28.03 2.35 29.05
#